data_6IAE
#
_entry.id   6IAE
#
_cell.length_a   56.015
_cell.length_b   56.015
_cell.length_c   263.085
_cell.angle_alpha   90.00
_cell.angle_beta   90.00
_cell.angle_gamma   120.00
#
_symmetry.space_group_name_H-M   'P 61'
#
loop_
_entity.id
_entity.type
_entity.pdbx_description
1 polymer 'Intraflagellar transport protein 22'
2 non-polymer "GUANOSINE-5'-TRIPHOSPHATE"
3 non-polymer 'MAGNESIUM ION'
4 water water
#
_entity_poly.entity_id   1
_entity_poly.type   'polypeptide(L)'
_entity_poly.pdbx_seq_one_letter_code
;GAASMSDDLVKILVLGPSKSGKSTVTNFLAGTRDTPTKEYHETNPLRVLEVEIALDDTRRSGRQAAGLKKAVVQLWDVGG
SSKHQAGWPAIASNADGIIYVFNPEVKGSEKELLLWYKNFALNQDELDDDNNFKMRVTDGHSLIFSHHSSLPEFAVGDNA
IPPMPKQLQGIRALETSLDYQSDNFKEAFDALVEQIIASRLAAEENDLLQKEREAKDYPRLKR
;
_entity_poly.pdbx_strand_id   A,B
#
loop_
_chem_comp.id
_chem_comp.type
_chem_comp.name
_chem_comp.formula
GTP non-polymer GUANOSINE-5'-TRIPHOSPHATE 'C10 H16 N5 O14 P3'
MG non-polymer 'MAGNESIUM ION' 'Mg 2'
#
# COMPACT_ATOMS: atom_id res chain seq x y z
N ASP A 7 18.97 -20.24 -1.62
CA ASP A 7 18.87 -19.11 -0.70
C ASP A 7 19.17 -17.82 -1.44
N ASP A 8 18.52 -17.63 -2.59
CA ASP A 8 18.86 -16.53 -3.47
C ASP A 8 18.30 -15.22 -2.91
N LEU A 9 19.18 -14.24 -2.75
CA LEU A 9 18.86 -12.98 -2.12
C LEU A 9 18.05 -12.10 -3.05
N VAL A 10 17.45 -11.06 -2.48
CA VAL A 10 16.74 -10.02 -3.21
C VAL A 10 17.33 -8.69 -2.80
N LYS A 11 17.57 -7.81 -3.77
CA LYS A 11 18.29 -6.57 -3.58
C LYS A 11 17.32 -5.41 -3.63
N ILE A 12 17.10 -4.77 -2.48
CA ILE A 12 16.20 -3.62 -2.37
C ILE A 12 17.01 -2.41 -1.94
N LEU A 13 16.87 -1.31 -2.68
CA LEU A 13 17.57 -0.07 -2.43
C LEU A 13 16.69 0.90 -1.66
N VAL A 14 17.31 1.95 -1.14
CA VAL A 14 16.63 2.98 -0.35
C VAL A 14 17.14 4.35 -0.79
N LEU A 15 16.28 5.13 -1.46
CA LEU A 15 16.60 6.46 -1.98
C LEU A 15 15.63 7.49 -1.45
N GLY A 16 15.88 8.76 -1.78
CA GLY A 16 15.00 9.83 -1.39
C GLY A 16 15.76 11.04 -0.91
N PRO A 17 15.05 12.14 -0.63
CA PRO A 17 15.73 13.33 -0.11
C PRO A 17 16.58 13.02 1.11
N SER A 18 17.66 13.79 1.26
CA SER A 18 18.43 13.72 2.48
C SER A 18 17.60 14.25 3.65
N LYS A 19 18.00 13.83 4.86
CA LYS A 19 17.32 14.18 6.11
C LYS A 19 15.89 13.68 6.16
N SER A 20 15.49 12.83 5.21
CA SER A 20 14.10 12.39 5.12
C SER A 20 13.81 11.27 6.10
N GLY A 21 14.78 10.40 6.35
CA GLY A 21 14.61 9.35 7.31
C GLY A 21 15.00 7.96 6.85
N LYS A 22 15.73 7.84 5.73
CA LYS A 22 15.81 6.57 5.03
C LYS A 22 16.37 5.46 5.91
N SER A 23 17.31 5.76 6.81
CA SER A 23 18.00 4.72 7.56
C SER A 23 17.30 4.33 8.84
N THR A 24 16.57 5.26 9.48
CA THR A 24 15.71 4.85 10.59
C THR A 24 14.74 3.77 10.14
N VAL A 25 14.36 3.79 8.86
CA VAL A 25 13.51 2.73 8.31
C VAL A 25 14.33 1.46 8.11
N THR A 26 15.53 1.60 7.56
CA THR A 26 16.37 0.43 7.26
C THR A 26 16.61 -0.41 8.51
N ASN A 27 17.05 0.25 9.59
CA ASN A 27 17.35 -0.48 10.83
C ASN A 27 16.09 -1.08 11.42
N PHE A 28 15.02 -0.31 11.46
CA PHE A 28 13.73 -0.83 11.91
C PHE A 28 13.26 -1.98 11.04
N LEU A 29 13.48 -1.89 9.73
CA LEU A 29 13.03 -2.96 8.85
C LEU A 29 13.98 -4.16 8.90
N ALA A 30 15.30 -3.90 8.80
CA ALA A 30 16.27 -4.98 8.78
C ALA A 30 16.47 -5.62 10.14
N GLY A 31 16.07 -4.96 11.22
CA GLY A 31 16.02 -5.55 12.54
C GLY A 31 16.75 -4.75 13.60
N THR A 32 17.77 -4.01 13.22
CA THR A 32 18.52 -3.20 14.17
C THR A 32 17.55 -2.35 14.97
N ARG A 33 17.58 -2.53 16.28
CA ARG A 33 16.45 -2.20 17.13
C ARG A 33 16.11 -0.71 17.09
N ASP A 34 14.97 -0.39 17.68
CA ASP A 34 14.63 0.99 18.05
C ASP A 34 14.71 1.95 16.87
N GLU A 42 25.80 13.89 8.92
CA GLU A 42 25.83 12.70 9.77
C GLU A 42 25.19 11.51 9.06
N THR A 43 24.77 11.71 7.80
CA THR A 43 24.36 10.59 6.96
C THR A 43 25.56 10.12 6.15
N ASN A 44 25.69 8.85 6.03
CA ASN A 44 26.78 8.13 5.40
C ASN A 44 26.45 7.85 3.93
N PRO A 45 27.50 7.73 3.10
CA PRO A 45 27.25 7.41 1.67
C PRO A 45 26.36 6.20 1.45
N LEU A 46 26.67 5.07 2.09
CA LEU A 46 25.99 3.81 1.81
C LEU A 46 26.15 2.86 2.98
N ARG A 47 25.07 2.18 3.31
CA ARG A 47 25.12 1.01 4.17
C ARG A 47 24.45 -0.13 3.43
N VAL A 48 24.70 -1.35 3.89
CA VAL A 48 23.92 -2.49 3.44
C VAL A 48 23.49 -3.25 4.67
N LEU A 49 22.19 -3.40 4.85
CA LEU A 49 21.66 -4.23 5.92
C LEU A 49 21.10 -5.50 5.31
N GLU A 50 21.11 -6.57 6.09
CA GLU A 50 20.72 -7.88 5.62
C GLU A 50 19.71 -8.45 6.58
N VAL A 51 18.47 -8.59 6.12
CA VAL A 51 17.40 -9.21 6.88
C VAL A 51 16.89 -10.39 6.07
N GLU A 52 16.73 -11.53 6.72
CA GLU A 52 16.15 -12.70 6.10
C GLU A 52 14.69 -12.72 6.49
N ILE A 53 13.82 -12.77 5.48
CA ILE A 53 12.39 -12.85 5.70
C ILE A 53 11.87 -13.86 4.70
N ALA A 54 11.24 -14.92 5.19
CA ALA A 54 10.92 -16.06 4.34
C ALA A 54 9.49 -16.50 4.65
N LEU A 55 9.14 -17.68 4.13
CA LEU A 55 7.87 -18.31 4.41
C LEU A 55 8.02 -19.80 4.10
N LYS A 70 14.48 -20.10 2.06
CA LYS A 70 15.48 -19.14 2.52
C LYS A 70 15.45 -17.88 1.66
N ALA A 71 14.96 -16.79 2.23
CA ALA A 71 14.85 -15.53 1.51
C ALA A 71 15.59 -14.48 2.31
N VAL A 72 16.83 -14.19 1.91
CA VAL A 72 17.65 -13.20 2.58
C VAL A 72 17.55 -11.89 1.82
N VAL A 73 17.04 -10.88 2.48
CA VAL A 73 16.70 -9.58 1.88
C VAL A 73 17.78 -8.59 2.28
N GLN A 74 18.15 -7.74 1.34
CA GLN A 74 19.27 -6.83 1.52
C GLN A 74 18.79 -5.40 1.32
N LEU A 75 18.66 -4.67 2.42
CA LEU A 75 18.35 -3.25 2.36
C LEU A 75 19.63 -2.48 2.12
N TRP A 76 19.63 -1.65 1.09
CA TRP A 76 20.79 -0.85 0.69
C TRP A 76 20.47 0.63 0.90
N ASP A 77 20.83 1.16 2.08
CA ASP A 77 20.55 2.55 2.42
C ASP A 77 21.56 3.47 1.76
N VAL A 78 21.08 4.36 0.89
CA VAL A 78 21.91 5.27 0.11
C VAL A 78 21.86 6.66 0.71
N GLY A 79 22.95 7.40 0.57
CA GLY A 79 23.00 8.81 0.96
C GLY A 79 23.32 9.69 -0.24
N GLY A 80 22.63 10.81 -0.34
CA GLY A 80 22.68 11.62 -1.55
C GLY A 80 24.04 12.25 -1.81
N SER A 81 24.22 12.69 -3.05
CA SER A 81 25.43 13.41 -3.43
C SER A 81 25.14 14.89 -3.44
N TRP A 88 27.06 7.05 -9.29
CA TRP A 88 27.54 5.68 -9.12
C TRP A 88 26.49 4.69 -9.61
N PRO A 89 26.19 4.70 -10.92
CA PRO A 89 25.10 3.85 -11.43
C PRO A 89 25.51 2.39 -11.50
N ALA A 90 26.66 2.06 -10.91
CA ALA A 90 27.08 0.68 -10.75
C ALA A 90 26.49 0.02 -9.51
N ILE A 91 25.62 0.72 -8.78
CA ILE A 91 25.05 0.17 -7.55
C ILE A 91 23.70 -0.51 -7.81
N ALA A 92 23.08 -0.30 -8.97
CA ALA A 92 21.83 -0.94 -9.32
C ALA A 92 22.01 -2.33 -9.94
N SER A 93 23.14 -3.00 -9.65
CA SER A 93 23.43 -4.30 -10.24
C SER A 93 22.34 -5.31 -9.88
N ASN A 94 21.63 -5.78 -10.90
CA ASN A 94 20.53 -6.73 -10.75
C ASN A 94 19.60 -6.37 -9.61
N ALA A 95 19.36 -5.07 -9.44
CA ALA A 95 18.49 -4.62 -8.37
C ALA A 95 17.05 -5.08 -8.62
N ASP A 96 16.35 -5.36 -7.54
CA ASP A 96 15.04 -5.99 -7.63
C ASP A 96 13.89 -5.10 -7.17
N GLY A 97 14.11 -4.21 -6.19
CA GLY A 97 13.06 -3.32 -5.71
C GLY A 97 13.65 -2.09 -5.05
N ILE A 98 12.79 -1.09 -4.87
CA ILE A 98 13.22 0.22 -4.36
C ILE A 98 12.19 0.73 -3.36
N ILE A 99 12.67 1.43 -2.33
CA ILE A 99 11.81 2.08 -1.35
C ILE A 99 12.25 3.54 -1.25
N TYR A 100 11.37 4.46 -1.65
CA TYR A 100 11.65 5.89 -1.59
C TYR A 100 11.12 6.47 -0.28
N VAL A 101 11.88 7.41 0.30
CA VAL A 101 11.48 8.08 1.54
C VAL A 101 11.67 9.59 1.37
N PHE A 102 10.68 10.37 1.82
CA PHE A 102 10.76 11.82 1.77
C PHE A 102 9.97 12.41 2.92
N ASN A 103 10.38 13.58 3.37
CA ASN A 103 9.62 14.28 4.38
C ASN A 103 8.50 15.05 3.71
N PRO A 104 7.23 14.81 4.06
CA PRO A 104 6.16 15.57 3.42
C PRO A 104 6.16 17.02 3.85
N GLU A 105 6.51 17.31 5.10
CA GLU A 105 6.55 18.68 5.56
C GLU A 105 7.54 19.53 4.79
N VAL A 106 8.47 18.92 4.08
CA VAL A 106 9.57 19.61 3.41
C VAL A 106 9.28 19.67 1.91
N LYS A 107 9.57 20.82 1.30
CA LYS A 107 9.25 21.05 -0.10
C LYS A 107 10.37 20.63 -1.03
N GLY A 108 9.99 20.28 -2.25
CA GLY A 108 10.87 19.64 -3.18
C GLY A 108 11.14 18.19 -2.86
N SER A 109 10.73 17.72 -1.68
CA SER A 109 10.90 16.32 -1.34
C SER A 109 10.15 15.43 -2.32
N GLU A 110 8.89 15.78 -2.61
CA GLU A 110 8.12 15.04 -3.60
C GLU A 110 8.79 15.09 -4.97
N LYS A 111 9.58 16.11 -5.22
CA LYS A 111 10.15 16.37 -6.53
C LYS A 111 11.60 15.96 -6.64
N GLU A 112 12.35 15.94 -5.54
CA GLU A 112 13.70 15.41 -5.60
C GLU A 112 13.69 13.93 -6.01
N LEU A 113 12.69 13.18 -5.54
CA LEU A 113 12.63 11.74 -5.78
C LEU A 113 12.65 11.39 -7.25
N LEU A 114 12.34 12.34 -8.13
CA LEU A 114 12.38 12.06 -9.55
C LEU A 114 13.82 11.94 -10.05
N LEU A 115 14.77 12.60 -9.38
CA LEU A 115 16.17 12.35 -9.68
C LEU A 115 16.58 10.95 -9.24
N TRP A 116 16.14 10.54 -8.04
CA TRP A 116 16.31 9.14 -7.65
C TRP A 116 15.60 8.24 -8.64
N TYR A 117 14.36 8.57 -8.99
CA TYR A 117 13.67 7.84 -10.05
C TYR A 117 14.50 7.84 -11.34
N LYS A 118 15.06 8.99 -11.69
CA LYS A 118 15.83 9.07 -12.93
C LYS A 118 17.15 8.33 -12.82
N ASN A 119 17.94 8.67 -11.80
CA ASN A 119 19.30 8.14 -11.73
C ASN A 119 19.33 6.63 -11.66
N PHE A 120 18.25 5.99 -11.23
CA PHE A 120 18.32 4.58 -10.88
C PHE A 120 17.34 3.69 -11.62
N ALA A 121 16.09 4.12 -11.83
CA ALA A 121 15.10 3.27 -12.47
C ALA A 121 14.64 3.85 -13.80
N MET A 135 17.46 3.42 -18.77
CA MET A 135 17.87 2.13 -18.24
C MET A 135 16.66 1.29 -17.81
N ARG A 136 15.84 1.83 -16.90
CA ARG A 136 14.64 1.16 -16.38
C ARG A 136 14.99 -0.09 -15.57
N VAL A 137 15.86 0.09 -14.57
CA VAL A 137 16.36 -1.05 -13.81
C VAL A 137 15.24 -1.69 -13.00
N THR A 138 14.35 -0.88 -12.43
CA THR A 138 13.36 -1.37 -11.48
C THR A 138 11.96 -1.00 -11.95
N ASP A 139 11.03 -1.94 -11.76
CA ASP A 139 9.70 -1.82 -12.34
C ASP A 139 8.66 -2.19 -11.30
N GLY A 140 7.97 -1.19 -10.75
CA GLY A 140 6.72 -1.44 -10.06
C GLY A 140 6.86 -2.04 -8.68
N HIS A 141 7.90 -2.86 -8.47
CA HIS A 141 8.13 -3.47 -7.16
C HIS A 141 8.74 -2.43 -6.23
N SER A 142 8.07 -1.29 -6.08
CA SER A 142 8.63 -0.15 -5.38
C SER A 142 7.63 0.34 -4.32
N LEU A 143 8.13 1.20 -3.43
CA LEU A 143 7.33 1.83 -2.39
C LEU A 143 7.74 3.28 -2.24
N ILE A 144 6.82 4.09 -1.70
CA ILE A 144 7.09 5.50 -1.42
C ILE A 144 6.50 5.84 -0.06
N PHE A 145 7.30 6.51 0.78
CA PHE A 145 6.92 6.78 2.18
C PHE A 145 6.83 8.27 2.44
N SER A 146 5.62 8.74 2.76
CA SER A 146 5.45 10.07 3.33
C SER A 146 5.75 9.93 4.82
N HIS A 147 6.95 10.34 5.22
CA HIS A 147 7.53 9.93 6.50
C HIS A 147 7.57 11.08 7.49
N HIS A 148 6.97 10.87 8.66
CA HIS A 148 6.94 11.86 9.73
C HIS A 148 8.15 11.64 10.64
N SER A 149 9.13 12.54 10.53
CA SER A 149 10.19 12.71 11.52
C SER A 149 9.86 13.80 12.52
N SER A 150 8.78 14.54 12.30
CA SER A 150 8.42 15.73 13.07
C SER A 150 6.93 15.68 13.34
N LEU A 151 6.46 16.63 14.14
CA LEU A 151 5.02 16.78 14.31
C LEU A 151 4.43 17.26 12.99
N PRO A 152 3.48 16.53 12.40
CA PRO A 152 3.02 16.88 11.05
C PRO A 152 2.23 18.18 11.06
N GLU A 153 2.74 19.18 10.35
CA GLU A 153 2.01 20.43 10.16
C GLU A 153 1.40 20.47 8.78
N PHE A 154 2.21 20.34 7.74
CA PHE A 154 1.65 20.29 6.39
C PHE A 154 1.06 18.92 6.06
N ALA A 155 1.80 17.85 6.39
CA ALA A 155 1.45 16.52 5.91
C ALA A 155 0.01 16.18 6.25
N VAL A 156 -0.43 16.54 7.45
CA VAL A 156 -1.76 16.27 7.97
C VAL A 156 -2.83 16.54 6.94
N GLY A 157 -3.85 15.67 6.88
CA GLY A 157 -5.08 16.04 6.22
C GLY A 157 -5.39 15.15 5.05
N ASP A 158 -5.96 15.77 4.00
CA ASP A 158 -6.56 15.01 2.91
C ASP A 158 -5.50 14.29 2.10
N ASN A 159 -4.27 14.78 2.10
CA ASN A 159 -3.14 13.97 1.63
C ASN A 159 -2.05 14.13 2.69
N ALA A 160 -2.09 13.22 3.67
CA ALA A 160 -0.96 12.93 4.54
C ALA A 160 0.06 12.07 3.84
N ILE A 161 -0.25 11.66 2.62
CA ILE A 161 0.74 11.39 1.59
C ILE A 161 0.52 12.44 0.50
N PRO A 162 1.29 13.52 0.49
CA PRO A 162 0.97 14.66 -0.38
C PRO A 162 0.87 14.24 -1.83
N PRO A 163 0.29 15.09 -2.69
CA PRO A 163 0.22 14.76 -4.11
C PRO A 163 1.59 14.43 -4.68
N MET A 164 1.62 13.41 -5.53
CA MET A 164 2.85 12.87 -6.08
C MET A 164 3.02 13.27 -7.54
N PRO A 165 4.26 13.42 -8.01
CA PRO A 165 4.47 13.64 -9.44
C PRO A 165 3.90 12.49 -10.27
N LYS A 166 3.82 12.73 -11.57
CA LYS A 166 3.12 11.82 -12.47
C LYS A 166 3.82 10.48 -12.57
N GLN A 167 5.14 10.48 -12.72
CA GLN A 167 5.90 9.24 -12.86
C GLN A 167 5.73 8.35 -11.64
N LEU A 168 5.56 8.95 -10.45
CA LEU A 168 5.47 8.23 -9.19
C LEU A 168 4.05 8.01 -8.71
N GLN A 169 3.05 8.63 -9.35
CA GLN A 169 1.68 8.43 -8.92
C GLN A 169 1.25 6.97 -9.01
N GLY A 170 2.01 6.13 -9.71
CA GLY A 170 1.62 4.74 -9.89
C GLY A 170 2.09 3.78 -8.82
N ILE A 171 3.00 4.21 -7.93
CA ILE A 171 3.63 3.34 -6.94
C ILE A 171 2.94 3.50 -5.59
N ARG A 172 2.68 2.37 -4.91
CA ARG A 172 1.93 2.40 -3.65
C ARG A 172 2.63 3.30 -2.64
N ALA A 173 1.85 4.12 -1.94
CA ALA A 173 2.40 5.12 -1.03
C ALA A 173 1.73 5.04 0.33
N LEU A 174 2.49 5.35 1.37
CA LEU A 174 2.01 5.28 2.74
C LEU A 174 2.38 6.54 3.49
N GLU A 175 1.66 6.77 4.59
CA GLU A 175 2.09 7.69 5.62
C GLU A 175 2.86 6.90 6.67
N THR A 176 3.95 7.45 7.15
CA THR A 176 4.89 6.62 7.88
C THR A 176 5.52 7.37 9.04
N SER A 177 5.63 6.69 10.18
CA SER A 177 6.31 7.23 11.35
C SER A 177 6.50 6.10 12.34
N LEU A 178 7.45 6.29 13.24
CA LEU A 178 7.62 5.36 14.36
C LEU A 178 6.83 5.79 15.57
N ASP A 179 6.63 7.10 15.75
CA ASP A 179 5.92 7.65 16.89
C ASP A 179 4.63 8.35 16.50
N TYR A 180 4.63 9.10 15.41
CA TYR A 180 3.45 9.84 14.99
C TYR A 180 2.50 8.88 14.28
N GLN A 181 1.46 9.41 13.65
CA GLN A 181 0.49 8.56 12.99
C GLN A 181 1.18 7.65 11.99
N SER A 182 0.74 6.39 11.95
CA SER A 182 1.45 5.42 11.15
C SER A 182 0.51 4.32 10.67
N ASP A 183 0.95 3.72 9.56
CA ASP A 183 0.41 2.51 8.95
C ASP A 183 1.31 1.33 9.29
N ASN A 184 0.76 0.11 9.24
CA ASN A 184 1.56 -1.09 9.49
C ASN A 184 2.40 -1.36 8.24
N PHE A 185 3.52 -0.62 8.15
CA PHE A 185 4.34 -0.74 6.96
C PHE A 185 5.39 -1.85 7.05
N LYS A 186 5.54 -2.50 8.21
CA LYS A 186 6.26 -3.77 8.19
C LYS A 186 5.56 -4.75 7.26
N GLU A 187 4.22 -4.70 7.19
CA GLU A 187 3.48 -5.62 6.33
C GLU A 187 3.69 -5.32 4.86
N ALA A 188 3.70 -4.03 4.49
CA ALA A 188 3.90 -3.66 3.10
C ALA A 188 5.29 -4.01 2.63
N PHE A 189 6.27 -3.95 3.54
CA PHE A 189 7.61 -4.40 3.24
C PHE A 189 7.64 -5.91 3.09
N ASP A 190 7.09 -6.63 4.08
CA ASP A 190 6.96 -8.08 3.98
C ASP A 190 6.38 -8.47 2.63
N ALA A 191 5.32 -7.77 2.19
CA ALA A 191 4.65 -8.14 0.95
C ALA A 191 5.48 -7.80 -0.28
N LEU A 192 6.38 -6.83 -0.19
CA LEU A 192 7.17 -6.44 -1.36
C LEU A 192 8.14 -7.54 -1.77
N VAL A 193 8.77 -8.21 -0.80
CA VAL A 193 9.74 -9.25 -1.12
C VAL A 193 9.10 -10.40 -1.87
N GLU A 194 7.86 -10.75 -1.48
CA GLU A 194 7.17 -11.87 -2.14
C GLU A 194 6.90 -11.56 -3.60
N GLN A 195 6.46 -10.35 -3.90
CA GLN A 195 6.19 -9.99 -5.28
C GLN A 195 7.46 -9.93 -6.10
N ILE A 196 8.58 -9.53 -5.50
CA ILE A 196 9.85 -9.56 -6.21
C ILE A 196 10.17 -10.98 -6.65
N ILE A 197 10.35 -11.88 -5.68
CA ILE A 197 10.76 -13.24 -5.99
C ILE A 197 9.68 -13.99 -6.76
N ALA A 198 8.46 -13.46 -6.78
CA ALA A 198 7.32 -14.23 -7.27
C ALA A 198 7.55 -14.76 -8.68
N SER A 199 8.13 -13.94 -9.55
CA SER A 199 8.23 -14.30 -10.96
C SER A 199 9.66 -14.36 -11.47
N ARG A 200 10.66 -14.33 -10.60
CA ARG A 200 12.00 -14.70 -11.07
C ARG A 200 12.01 -16.12 -11.61
N LEU A 201 10.98 -16.89 -11.30
CA LEU A 201 10.67 -18.13 -11.99
C LEU A 201 9.16 -18.37 -11.94
N LEU B 9 -18.29 8.70 -14.81
CA LEU B 9 -18.45 8.40 -13.39
C LEU B 9 -17.63 7.15 -13.05
N VAL B 10 -17.38 6.93 -11.76
CA VAL B 10 -16.54 5.83 -11.29
C VAL B 10 -17.33 4.96 -10.32
N LYS B 11 -17.37 3.64 -10.60
CA LYS B 11 -18.17 2.69 -9.83
C LYS B 11 -17.26 1.74 -9.07
N ILE B 12 -17.34 1.76 -7.75
CA ILE B 12 -16.46 0.98 -6.89
C ILE B 12 -17.29 0.10 -5.97
N LEU B 13 -16.97 -1.21 -5.96
CA LEU B 13 -17.67 -2.24 -5.19
C LEU B 13 -16.96 -2.52 -3.87
N VAL B 14 -17.74 -2.85 -2.85
CA VAL B 14 -17.22 -3.25 -1.55
C VAL B 14 -17.68 -4.69 -1.30
N LEU B 15 -16.78 -5.65 -1.46
CA LEU B 15 -17.08 -7.06 -1.29
C LEU B 15 -16.46 -7.58 -0.01
N GLY B 16 -16.80 -8.81 0.34
CA GLY B 16 -16.28 -9.44 1.53
C GLY B 16 -17.35 -10.16 2.31
N PRO B 17 -16.93 -11.09 3.18
CA PRO B 17 -17.90 -11.89 3.95
C PRO B 17 -18.88 -11.03 4.73
N SER B 18 -20.01 -11.62 5.10
CA SER B 18 -20.97 -10.94 5.95
C SER B 18 -20.30 -10.46 7.23
N LYS B 19 -20.90 -9.44 7.86
CA LYS B 19 -20.48 -9.00 9.18
C LYS B 19 -19.01 -8.63 9.25
N SER B 20 -18.37 -8.45 8.09
CA SER B 20 -16.95 -8.15 8.07
C SER B 20 -16.68 -6.69 8.40
N GLY B 21 -17.56 -5.81 7.96
CA GLY B 21 -17.27 -4.40 8.05
C GLY B 21 -17.50 -3.67 6.75
N LYS B 22 -18.03 -4.37 5.74
CA LYS B 22 -18.25 -3.76 4.43
C LYS B 22 -19.05 -2.48 4.56
N SER B 23 -20.01 -2.45 5.47
CA SER B 23 -20.81 -1.25 5.68
C SER B 23 -20.14 -0.28 6.65
N THR B 24 -19.55 -0.75 7.73
CA THR B 24 -18.82 0.15 8.62
C THR B 24 -17.57 0.72 7.95
N VAL B 25 -17.02 0.06 6.93
CA VAL B 25 -15.95 0.70 6.14
C VAL B 25 -16.53 1.76 5.22
N THR B 26 -17.64 1.44 4.54
CA THR B 26 -18.14 2.28 3.46
C THR B 26 -18.60 3.66 3.95
N ASN B 27 -19.04 3.76 5.21
CA ASN B 27 -19.43 5.06 5.75
C ASN B 27 -18.24 6.01 5.86
N PHE B 28 -17.05 5.48 6.14
CA PHE B 28 -15.88 6.33 6.39
C PHE B 28 -15.49 7.13 5.16
N LEU B 29 -15.67 6.58 3.95
CA LEU B 29 -15.28 7.28 2.74
C LEU B 29 -16.27 8.39 2.37
N ALA B 30 -17.53 8.25 2.77
CA ALA B 30 -18.56 9.22 2.42
C ALA B 30 -18.82 10.28 3.48
N GLY B 31 -18.28 10.11 4.69
CA GLY B 31 -18.58 11.04 5.76
C GLY B 31 -18.00 12.42 5.51
N THR B 32 -18.81 13.45 5.74
CA THR B 32 -18.39 14.84 5.56
C THR B 32 -17.33 15.20 6.60
N ASN B 44 -29.83 -4.44 3.17
CA ASN B 44 -28.83 -5.48 3.37
C ASN B 44 -28.25 -6.04 2.05
N PRO B 45 -29.10 -6.36 1.06
CA PRO B 45 -28.55 -6.88 -0.20
C PRO B 45 -27.59 -5.92 -0.89
N LEU B 46 -27.89 -4.62 -0.91
CA LEU B 46 -27.06 -3.62 -1.58
C LEU B 46 -27.36 -2.26 -0.99
N ARG B 47 -26.31 -1.44 -0.88
CA ARG B 47 -26.44 -0.03 -0.59
C ARG B 47 -25.53 0.73 -1.53
N VAL B 48 -25.87 2.00 -1.79
CA VAL B 48 -25.04 2.87 -2.63
C VAL B 48 -24.96 4.23 -1.96
N LEU B 49 -23.73 4.67 -1.65
CA LEU B 49 -23.48 6.02 -1.14
C LEU B 49 -22.72 6.82 -2.19
N GLU B 50 -22.85 8.14 -2.16
CA GLU B 50 -22.14 9.02 -3.07
C GLU B 50 -21.24 9.96 -2.27
N VAL B 51 -19.97 10.01 -2.66
CA VAL B 51 -19.00 10.93 -2.08
C VAL B 51 -18.31 11.66 -3.23
N GLU B 52 -18.12 12.96 -3.08
CA GLU B 52 -17.36 13.75 -4.04
C GLU B 52 -15.95 13.95 -3.50
N ILE B 53 -14.98 13.31 -4.13
CA ILE B 53 -13.59 13.35 -3.69
C ILE B 53 -12.73 13.73 -4.90
N ALA B 54 -11.99 14.83 -4.76
CA ALA B 54 -11.17 15.36 -5.85
C ALA B 54 -9.82 15.83 -5.34
N ALA B 71 -17.45 13.43 -13.53
CA ALA B 71 -17.40 11.98 -13.35
C ALA B 71 -16.78 11.61 -12.01
N VAL B 72 -17.60 11.51 -10.97
CA VAL B 72 -17.09 11.27 -9.62
C VAL B 72 -17.56 9.90 -9.17
N VAL B 73 -17.21 9.50 -7.94
CA VAL B 73 -17.20 8.10 -7.53
C VAL B 73 -18.46 7.78 -6.73
N GLN B 74 -18.92 6.54 -6.87
CA GLN B 74 -20.11 6.06 -6.18
C GLN B 74 -19.84 4.65 -5.66
N LEU B 75 -20.05 4.46 -4.36
CA LEU B 75 -19.75 3.20 -3.68
C LEU B 75 -20.96 2.27 -3.64
N TRP B 76 -20.72 0.97 -3.82
CA TRP B 76 -21.77 -0.05 -3.86
C TRP B 76 -21.50 -1.07 -2.75
N ASP B 77 -22.05 -0.84 -1.57
CA ASP B 77 -21.80 -1.71 -0.42
C ASP B 77 -22.68 -2.96 -0.53
N VAL B 78 -22.05 -4.12 -0.72
CA VAL B 78 -22.75 -5.40 -0.72
C VAL B 78 -22.72 -5.97 0.68
N GLY B 79 -23.84 -6.55 1.10
CA GLY B 79 -23.96 -7.14 2.42
C GLY B 79 -24.20 -8.64 2.32
N GLY B 80 -23.55 -9.40 3.18
CA GLY B 80 -23.69 -10.85 3.19
C GLY B 80 -22.93 -11.53 2.07
N ALA B 86 -26.78 -15.26 -3.03
CA ALA B 86 -27.48 -14.44 -4.00
C ALA B 86 -26.94 -14.62 -5.41
N GLY B 87 -27.64 -14.05 -6.39
CA GLY B 87 -27.20 -14.10 -7.77
C GLY B 87 -26.05 -13.15 -8.06
N TRP B 88 -26.12 -11.92 -7.53
CA TRP B 88 -25.20 -10.82 -7.80
C TRP B 88 -25.05 -10.55 -9.30
N PRO B 89 -26.13 -10.61 -10.06
CA PRO B 89 -25.98 -10.79 -11.51
C PRO B 89 -25.35 -9.60 -12.24
N ALA B 90 -26.00 -8.45 -12.18
CA ALA B 90 -25.60 -7.30 -12.99
C ALA B 90 -24.70 -6.36 -12.21
N ILE B 91 -24.11 -6.86 -11.14
CA ILE B 91 -23.41 -5.97 -10.23
C ILE B 91 -22.02 -5.63 -10.74
N ALA B 92 -21.37 -6.53 -11.46
CA ALA B 92 -20.04 -6.24 -11.99
C ALA B 92 -20.06 -5.32 -13.20
N SER B 93 -21.24 -4.91 -13.66
CA SER B 93 -21.32 -4.11 -14.87
C SER B 93 -20.64 -2.76 -14.68
N ASN B 94 -19.66 -2.48 -15.53
CA ASN B 94 -18.92 -1.21 -15.51
C ASN B 94 -18.28 -0.95 -14.15
N ALA B 95 -17.96 -2.03 -13.43
CA ALA B 95 -17.20 -1.90 -12.20
C ALA B 95 -15.82 -1.36 -12.51
N ASP B 96 -15.35 -0.43 -11.68
CA ASP B 96 -14.08 0.26 -11.92
C ASP B 96 -12.99 -0.09 -10.90
N GLY B 97 -13.34 -0.37 -9.64
CA GLY B 97 -12.40 -0.84 -8.65
C GLY B 97 -13.11 -1.73 -7.65
N ILE B 98 -12.35 -2.39 -6.79
CA ILE B 98 -12.94 -3.29 -5.80
C ILE B 98 -12.23 -3.15 -4.46
N ILE B 99 -12.99 -3.11 -3.38
CA ILE B 99 -12.44 -3.04 -2.03
C ILE B 99 -13.02 -4.18 -1.22
N TYR B 100 -12.24 -5.23 -1.03
CA TYR B 100 -12.66 -6.36 -0.22
C TYR B 100 -12.37 -6.08 1.24
N VAL B 101 -13.30 -6.46 2.11
CA VAL B 101 -13.15 -6.28 3.55
C VAL B 101 -13.50 -7.58 4.27
N PHE B 102 -12.64 -7.99 5.20
CA PHE B 102 -12.88 -9.21 5.97
C PHE B 102 -12.45 -9.00 7.41
N ASN B 103 -13.09 -9.75 8.31
CA ASN B 103 -12.64 -9.83 9.68
C ASN B 103 -11.41 -10.72 9.74
N PRO B 104 -10.25 -10.22 10.17
CA PRO B 104 -9.12 -11.14 10.31
C PRO B 104 -9.39 -12.18 11.37
N GLU B 105 -10.20 -11.85 12.36
CA GLU B 105 -10.55 -12.69 13.51
C GLU B 105 -11.46 -13.83 13.14
N VAL B 106 -11.73 -14.09 11.86
CA VAL B 106 -12.60 -15.17 11.45
C VAL B 106 -11.82 -16.09 10.52
N LYS B 107 -11.91 -17.40 10.78
CA LYS B 107 -11.04 -18.39 10.13
C LYS B 107 -11.64 -18.85 8.82
N GLY B 108 -10.79 -18.92 7.79
CA GLY B 108 -11.24 -19.21 6.45
C GLY B 108 -11.59 -18.00 5.63
N SER B 109 -11.47 -16.79 6.21
CA SER B 109 -11.92 -15.58 5.52
C SER B 109 -11.10 -15.33 4.26
N GLU B 110 -9.78 -15.45 4.38
CA GLU B 110 -8.87 -15.09 3.28
C GLU B 110 -9.21 -15.84 2.01
N LYS B 111 -9.64 -17.09 2.15
CA LYS B 111 -10.10 -17.86 1.00
C LYS B 111 -11.53 -17.52 0.61
N GLU B 112 -12.34 -17.02 1.54
CA GLU B 112 -13.71 -16.65 1.20
C GLU B 112 -13.77 -15.51 0.20
N LEU B 113 -12.69 -14.74 0.07
CA LEU B 113 -12.65 -13.63 -0.88
C LEU B 113 -12.44 -14.05 -2.32
N LEU B 114 -12.24 -15.34 -2.58
CA LEU B 114 -12.07 -15.78 -3.96
C LEU B 114 -13.38 -16.12 -4.65
N LEU B 115 -14.47 -16.29 -3.88
CA LEU B 115 -15.80 -16.33 -4.49
C LEU B 115 -16.16 -14.97 -5.07
N TRP B 116 -15.86 -13.91 -4.34
CA TRP B 116 -16.14 -12.57 -4.85
C TRP B 116 -15.17 -12.21 -5.97
N TYR B 117 -13.87 -12.39 -5.73
CA TYR B 117 -12.85 -12.01 -6.70
C TYR B 117 -13.15 -12.58 -8.08
N LYS B 118 -13.61 -13.83 -8.14
CA LYS B 118 -13.90 -14.45 -9.43
C LYS B 118 -14.98 -13.70 -10.20
N ASN B 119 -16.19 -13.64 -9.64
CA ASN B 119 -17.34 -13.06 -10.33
C ASN B 119 -17.02 -11.67 -10.86
N PHE B 120 -16.30 -10.87 -10.10
CA PHE B 120 -15.98 -9.50 -10.44
C PHE B 120 -14.48 -9.43 -10.71
N ALA B 121 -14.11 -9.61 -11.97
CA ALA B 121 -12.71 -9.73 -12.37
C ALA B 121 -12.31 -8.70 -13.43
N THR B 138 -4.79 -10.28 -8.42
CA THR B 138 -4.05 -9.99 -9.64
C THR B 138 -4.51 -8.68 -10.27
N ASP B 139 -4.74 -7.65 -9.46
CA ASP B 139 -5.38 -6.45 -9.98
C ASP B 139 -4.93 -5.23 -9.22
N GLY B 140 -4.42 -4.24 -9.95
CA GLY B 140 -4.13 -2.96 -9.34
C GLY B 140 -5.36 -2.12 -9.06
N HIS B 141 -6.50 -2.49 -9.64
CA HIS B 141 -7.77 -1.82 -9.41
C HIS B 141 -8.57 -2.47 -8.30
N SER B 142 -7.93 -3.28 -7.46
CA SER B 142 -8.59 -3.91 -6.33
C SER B 142 -7.85 -3.56 -5.06
N LEU B 143 -8.58 -3.51 -3.94
CA LEU B 143 -8.00 -3.31 -2.62
C LEU B 143 -8.38 -4.48 -1.76
N ILE B 144 -7.74 -4.57 -0.60
CA ILE B 144 -8.11 -5.56 0.42
C ILE B 144 -7.85 -4.92 1.78
N PHE B 145 -8.88 -4.84 2.61
CA PHE B 145 -8.76 -4.33 3.97
C PHE B 145 -8.85 -5.50 4.94
N SER B 146 -7.84 -5.67 5.77
CA SER B 146 -7.92 -6.58 6.92
C SER B 146 -8.52 -5.75 8.05
N HIS B 147 -9.84 -5.87 8.23
CA HIS B 147 -10.60 -4.91 9.03
C HIS B 147 -10.76 -5.43 10.45
N HIS B 148 -10.12 -4.77 11.41
CA HIS B 148 -10.29 -5.12 12.82
C HIS B 148 -11.67 -4.68 13.26
N SER B 149 -12.63 -5.60 13.23
CA SER B 149 -13.99 -5.35 13.72
C SER B 149 -14.18 -5.78 15.16
N SER B 150 -13.14 -6.30 15.79
CA SER B 150 -13.13 -6.75 17.16
C SER B 150 -11.82 -6.33 17.79
N LEU B 151 -11.75 -6.40 19.12
CA LEU B 151 -10.50 -6.10 19.78
C LEU B 151 -9.44 -7.11 19.32
N PRO B 152 -8.30 -6.66 18.79
CA PRO B 152 -7.39 -7.59 18.10
C PRO B 152 -6.63 -8.45 19.10
N GLU B 153 -6.87 -9.76 19.04
CA GLU B 153 -6.11 -10.76 19.78
C GLU B 153 -5.25 -11.61 18.86
N PHE B 154 -5.83 -12.12 17.78
CA PHE B 154 -5.07 -12.86 16.79
C PHE B 154 -4.51 -11.96 15.71
N ALA B 155 -5.34 -11.04 15.19
CA ALA B 155 -5.03 -10.31 13.97
C ALA B 155 -3.71 -9.57 14.12
N VAL B 156 -3.63 -8.63 15.06
CA VAL B 156 -2.36 -8.01 15.38
C VAL B 156 -1.34 -9.11 15.64
N GLY B 157 -0.15 -8.94 15.07
CA GLY B 157 0.87 -9.96 15.18
C GLY B 157 1.91 -9.78 14.10
N ASP B 158 2.62 -10.88 13.81
CA ASP B 158 3.62 -10.88 12.75
C ASP B 158 3.00 -10.45 11.43
N ASN B 159 1.84 -11.01 11.12
CA ASN B 159 1.02 -10.48 10.04
C ASN B 159 -0.33 -10.08 10.63
N ALA B 160 -0.42 -8.79 11.02
CA ALA B 160 -1.72 -8.19 11.28
C ALA B 160 -2.62 -8.35 10.07
N ILE B 161 -2.05 -8.25 8.88
CA ILE B 161 -2.71 -8.69 7.65
C ILE B 161 -2.36 -10.17 7.45
N PRO B 162 -3.31 -11.09 7.65
CA PRO B 162 -2.98 -12.51 7.63
C PRO B 162 -2.48 -12.94 6.26
N PRO B 163 -1.84 -14.10 6.17
CA PRO B 163 -1.46 -14.65 4.87
C PRO B 163 -2.66 -14.75 3.94
N MET B 164 -2.51 -14.23 2.79
CA MET B 164 -3.57 -14.28 1.80
C MET B 164 -3.28 -15.34 0.77
N PRO B 165 -4.33 -15.92 0.19
CA PRO B 165 -4.14 -16.80 -0.96
C PRO B 165 -3.35 -16.13 -2.08
N LYS B 166 -2.71 -16.94 -2.91
CA LYS B 166 -1.79 -16.40 -3.92
C LYS B 166 -2.54 -15.70 -5.06
N GLN B 167 -3.75 -16.16 -5.38
CA GLN B 167 -4.54 -15.47 -6.41
C GLN B 167 -4.92 -14.07 -5.96
N LEU B 168 -5.13 -13.88 -4.66
CA LEU B 168 -5.47 -12.57 -4.11
C LEU B 168 -4.27 -11.64 -4.03
N GLN B 169 -3.06 -12.17 -3.92
CA GLN B 169 -1.89 -11.30 -3.93
C GLN B 169 -1.68 -10.72 -5.33
N GLY B 170 -0.78 -9.74 -5.42
CA GLY B 170 -0.80 -8.80 -6.50
C GLY B 170 -1.78 -7.66 -6.30
N ILE B 171 -2.69 -7.83 -5.35
CA ILE B 171 -3.64 -6.79 -4.95
C ILE B 171 -3.10 -6.11 -3.70
N ARG B 172 -3.02 -4.79 -3.76
CA ARG B 172 -2.65 -3.98 -2.59
C ARG B 172 -3.49 -4.40 -1.38
N ALA B 173 -2.84 -4.52 -0.23
CA ALA B 173 -3.52 -5.00 0.97
C ALA B 173 -3.16 -4.10 2.14
N LEU B 174 -4.16 -3.81 2.98
CA LEU B 174 -4.00 -2.89 4.08
C LEU B 174 -4.54 -3.50 5.37
N GLU B 175 -4.08 -2.95 6.48
CA GLU B 175 -4.67 -3.18 7.79
C GLU B 175 -5.60 -2.01 8.09
N THR B 176 -6.85 -2.32 8.41
CA THR B 176 -7.91 -1.33 8.35
C THR B 176 -8.78 -1.44 9.60
N SER B 177 -9.09 -0.32 10.21
CA SER B 177 -9.99 -0.28 11.36
C SER B 177 -10.22 1.18 11.67
N LEU B 178 -11.32 1.46 12.35
CA LEU B 178 -11.63 2.83 12.74
C LEU B 178 -11.16 3.13 14.16
N ASP B 179 -11.09 2.11 15.02
CA ASP B 179 -10.65 2.26 16.39
C ASP B 179 -9.31 1.59 16.68
N TYR B 180 -9.11 0.35 16.26
CA TYR B 180 -7.93 -0.43 16.61
C TYR B 180 -6.78 -0.11 15.65
N GLN B 181 -5.73 -0.92 15.68
CA GLN B 181 -4.55 -0.68 14.84
C GLN B 181 -4.96 -0.62 13.38
N SER B 182 -4.43 0.35 12.66
CA SER B 182 -4.89 0.58 11.28
C SER B 182 -3.83 1.30 10.48
N ASP B 183 -3.99 1.20 9.16
CA ASP B 183 -3.26 1.97 8.17
C ASP B 183 -4.15 3.11 7.66
N ASN B 184 -3.52 4.14 7.13
CA ASN B 184 -4.25 5.29 6.59
C ASN B 184 -4.93 4.84 5.31
N PHE B 185 -6.13 4.28 5.44
CA PHE B 185 -6.83 3.80 4.25
C PHE B 185 -7.75 4.84 3.66
N LYS B 186 -7.95 5.98 4.33
CA LYS B 186 -8.60 7.11 3.67
C LYS B 186 -7.84 7.49 2.41
N GLU B 187 -6.51 7.53 2.49
CA GLU B 187 -5.68 7.89 1.35
C GLU B 187 -5.66 6.79 0.28
N ALA B 188 -5.75 5.53 0.69
CA ALA B 188 -5.73 4.43 -0.27
C ALA B 188 -6.87 4.54 -1.27
N PHE B 189 -8.08 4.86 -0.79
CA PHE B 189 -9.19 5.10 -1.70
C PHE B 189 -8.90 6.27 -2.60
N ASP B 190 -8.44 7.38 -2.02
CA ASP B 190 -8.03 8.54 -2.80
C ASP B 190 -7.07 8.13 -3.91
N ALA B 191 -5.95 7.52 -3.53
CA ALA B 191 -4.99 7.06 -4.53
C ALA B 191 -5.65 6.11 -5.53
N LEU B 192 -6.45 5.17 -5.05
CA LEU B 192 -7.12 4.25 -5.96
C LEU B 192 -8.04 5.01 -6.90
N VAL B 193 -8.80 5.97 -6.38
CA VAL B 193 -9.61 6.85 -7.23
C VAL B 193 -8.73 7.54 -8.26
N GLU B 194 -7.56 8.06 -7.83
CA GLU B 194 -6.69 8.79 -8.75
C GLU B 194 -6.32 7.93 -9.94
N GLN B 195 -5.86 6.71 -9.69
CA GLN B 195 -5.28 5.92 -10.76
C GLN B 195 -6.32 5.48 -11.77
N ILE B 196 -7.58 5.34 -11.35
CA ILE B 196 -8.63 4.94 -12.29
C ILE B 196 -8.84 6.02 -13.34
N ILE B 197 -9.12 7.25 -12.89
CA ILE B 197 -9.37 8.33 -13.82
C ILE B 197 -8.13 8.62 -14.65
N ALA B 198 -6.96 8.62 -14.01
CA ALA B 198 -5.71 8.80 -14.74
C ALA B 198 -5.46 7.71 -15.75
N SER B 199 -6.06 6.54 -15.57
CA SER B 199 -5.88 5.48 -16.54
C SER B 199 -7.03 5.41 -17.56
N ARG B 200 -8.21 5.97 -17.25
CA ARG B 200 -9.27 6.02 -18.25
C ARG B 200 -8.95 7.02 -19.34
N LEU B 201 -8.39 8.18 -18.97
CA LEU B 201 -8.01 9.16 -19.97
C LEU B 201 -6.82 8.68 -20.78
N ALA B 202 -5.93 7.91 -20.18
CA ALA B 202 -4.69 7.54 -20.85
C ALA B 202 -4.97 6.71 -22.10
N ALA B 203 -5.99 5.85 -22.05
CA ALA B 203 -6.32 5.03 -23.21
C ALA B 203 -6.56 5.90 -24.44
N GLU B 204 -7.29 7.00 -24.26
CA GLU B 204 -7.55 7.93 -25.35
C GLU B 204 -6.28 8.70 -25.71
O3B GTP C . 19.87 10.78 6.34
PB GTP C . 18.39 10.28 5.94
O1B GTP C . 17.83 11.18 4.86
O2B GTP C . 18.37 8.84 5.52
O3A GTP C . 17.51 10.38 7.25
PA GTP C . 17.98 9.65 8.58
O1A GTP C . 19.40 9.16 8.46
O2A GTP C . 17.07 8.52 8.97
O5' GTP C . 17.83 10.81 9.67
C5' GTP C . 16.55 11.22 10.05
C4' GTP C . 16.62 11.81 11.45
O4' GTP C . 15.35 12.35 11.75
C3' GTP C . 16.92 10.73 12.49
O3' GTP C . 18.22 10.82 13.01
C2' GTP C . 15.91 10.94 13.59
O2' GTP C . 16.51 11.56 14.71
C1' GTP C . 14.84 11.80 12.94
N9 GTP C . 13.80 10.86 12.55
C8 GTP C . 13.85 9.92 11.55
N7 GTP C . 12.69 9.24 11.54
C5 GTP C . 11.91 9.73 12.53
C6 GTP C . 10.63 9.40 12.96
O6 GTP C . 10.01 8.50 12.39
N1 GTP C . 10.07 10.09 14.02
C2 GTP C . 10.78 11.10 14.65
N2 GTP C . 10.25 11.76 15.68
N3 GTP C . 12.05 11.41 14.22
C4 GTP C . 12.60 10.74 13.18
MG MG D . 21.66 8.01 6.70
O3B GTP E . -21.95 -6.72 7.31
PB GTP E . -21.45 -5.29 7.42
O1B GTP E . -22.70 -4.31 7.66
O2B GTP E . -20.79 -4.85 6.14
O3A GTP E . -20.39 -5.15 8.64
PA GTP E . -20.49 -4.04 9.82
O1A GTP E . -21.31 -2.86 9.41
O2A GTP E . -19.12 -3.61 10.24
O5' GTP E . -21.02 -4.75 11.14
C5' GTP E . -20.01 -5.18 12.02
C4' GTP E . -20.40 -5.19 13.49
O4' GTP E . -19.15 -5.33 14.15
C3' GTP E . -21.04 -3.90 14.00
O3' GTP E . -22.37 -4.12 14.43
C2' GTP E . -20.22 -3.50 15.20
O2' GTP E . -20.86 -3.90 16.41
C1' GTP E . -18.94 -4.27 15.04
N9 GTP E . -17.96 -3.34 14.46
C8 GTP E . -17.93 -2.82 13.19
N7 GTP E . -16.85 -2.01 13.09
C5 GTP E . -16.19 -2.02 14.27
C6 GTP E . -15.03 -1.38 14.72
O6 GTP E . -14.38 -0.63 13.98
N1 GTP E . -14.62 -1.61 16.04
C2 GTP E . -15.34 -2.45 16.87
N2 GTP E . -14.95 -2.68 18.13
N3 GTP E . -16.48 -3.08 16.41
C4 GTP E . -16.89 -2.86 15.13
MG MG F . -23.51 -4.46 5.23
#